data_5E9I
#
_entry.id   5E9I
#
_cell.length_a   83.030
_cell.length_b   96.037
_cell.length_c   57.902
_cell.angle_alpha   90.000
_cell.angle_beta   90.000
_cell.angle_gamma   90.000
#
_symmetry.space_group_name_H-M   'C 2 2 21'
#
loop_
_entity.id
_entity.type
_entity.pdbx_description
1 polymer 'Bromodomain adjacent to zinc finger domain protein 2B'
2 non-polymer 1H-indol-6-ol
3 water water
#
_entity_poly.entity_id   1
_entity_poly.type   'polypeptide(L)'
_entity_poly.pdbx_seq_one_letter_code
;SMSVKKPKRDDSKDLALCSMILTEMETHEDAWPFLLPVNLKLVPGYKKVIKKPMDFSTIREKLSSGQYPNLETFALDVRL
VFDNCETFNEDDSDIGRAGHNMRKYFEKKWTDTFKV
;
_entity_poly.pdbx_strand_id   A
#
# COMPACT_ATOMS: atom_id res chain seq x y z
N SER A 1 -19.21 25.16 2.68
CA SER A 1 -20.57 24.84 3.11
C SER A 1 -21.51 24.91 1.91
N MET A 2 -22.83 24.86 2.16
CA MET A 2 -23.82 24.87 1.09
C MET A 2 -23.63 26.05 0.13
N SER A 3 -23.41 25.73 -1.16
CA SER A 3 -23.18 26.71 -2.22
C SER A 3 -21.88 27.52 -2.02
N VAL A 4 -20.98 26.99 -1.22
CA VAL A 4 -19.66 27.63 -1.03
C VAL A 4 -18.61 26.56 -1.23
N LYS A 5 -18.02 26.53 -2.41
CA LYS A 5 -17.10 25.46 -2.77
C LYS A 5 -15.65 25.92 -2.77
N LYS A 6 -14.84 25.19 -2.01
CA LYS A 6 -13.41 25.38 -1.99
C LYS A 6 -12.86 24.83 -3.29
N PRO A 7 -11.84 25.48 -3.89
CA PRO A 7 -11.20 24.87 -5.04
C PRO A 7 -10.64 23.49 -4.67
N LYS A 8 -10.96 22.48 -5.47
CA LYS A 8 -10.47 21.12 -5.22
C LYS A 8 -9.54 20.67 -6.35
N ARG A 9 -8.45 20.00 -5.98
CA ARG A 9 -7.46 19.59 -6.97
C ARG A 9 -8.07 18.74 -8.08
N ASP A 10 -7.46 18.79 -9.26
CA ASP A 10 -7.85 17.93 -10.38
C ASP A 10 -7.46 16.48 -10.06
N ASP A 11 -8.48 15.64 -9.81
CA ASP A 11 -8.23 14.24 -9.46
C ASP A 11 -8.37 13.30 -10.65
N SER A 12 -8.46 13.86 -11.86
CA SER A 12 -8.76 13.04 -13.04
C SER A 12 -7.66 12.00 -13.37
N LYS A 13 -6.43 12.25 -12.92
CA LYS A 13 -5.32 11.33 -13.24
C LYS A 13 -4.97 10.38 -12.08
N ASP A 14 -5.71 10.47 -10.99
CA ASP A 14 -5.37 9.76 -9.75
C ASP A 14 -5.32 8.24 -9.93
N LEU A 15 -6.29 7.69 -10.65
CA LEU A 15 -6.34 6.25 -10.88
C LEU A 15 -5.08 5.78 -11.60
N ALA A 16 -4.74 6.44 -12.70
CA ALA A 16 -3.55 6.10 -13.47
C ALA A 16 -2.27 6.28 -12.66
N LEU A 17 -2.19 7.35 -11.89
CA LEU A 17 -0.98 7.63 -11.12
C LEU A 17 -0.78 6.60 -10.01
N CYS A 18 -1.84 6.24 -9.31
CA CYS A 18 -1.77 5.20 -8.27
C CYS A 18 -1.42 3.85 -8.90
N SER A 19 -1.93 3.59 -10.09
CA SER A 19 -1.62 2.36 -10.79
C SER A 19 -0.12 2.33 -11.14
N MET A 20 0.41 3.46 -11.58
CA MET A 20 1.84 3.54 -11.91
C MET A 20 2.73 3.34 -10.67
N ILE A 21 2.34 3.95 -9.55
CA ILE A 21 3.06 3.79 -8.29
C ILE A 21 3.04 2.34 -7.84
N LEU A 22 1.87 1.71 -7.94
CA LEU A 22 1.74 0.32 -7.56
C LEU A 22 2.62 -0.57 -8.45
N THR A 23 2.70 -0.27 -9.74
CA THR A 23 3.57 -1.04 -10.63
C THR A 23 5.02 -0.94 -10.16
N GLU A 24 5.44 0.24 -9.76
CA GLU A 24 6.81 0.41 -9.29
C GLU A 24 7.04 -0.36 -8.00
N MET A 25 6.06 -0.34 -7.11
CA MET A 25 6.09 -1.16 -5.90
C MET A 25 6.31 -2.62 -6.23
N GLU A 26 5.53 -3.10 -7.20
CA GLU A 26 5.53 -4.52 -7.55
C GLU A 26 6.84 -4.98 -8.17
N THR A 27 7.55 -4.06 -8.84
CA THR A 27 8.79 -4.42 -9.53
C THR A 27 10.05 -4.20 -8.67
N HIS A 28 9.89 -3.59 -7.51
CA HIS A 28 10.99 -3.37 -6.57
C HIS A 28 11.56 -4.71 -6.10
N GLU A 29 12.88 -4.84 -6.07
CA GLU A 29 13.46 -6.15 -5.74
C GLU A 29 13.06 -6.62 -4.33
N ASP A 30 12.70 -5.68 -3.46
CA ASP A 30 12.30 -6.04 -2.09
C ASP A 30 10.78 -6.23 -1.93
N ALA A 31 10.05 -6.36 -3.03
CA ALA A 31 8.59 -6.47 -2.94
C ALA A 31 8.12 -7.89 -2.59
N TRP A 32 9.02 -8.87 -2.68
CA TRP A 32 8.60 -10.28 -2.60
C TRP A 32 7.79 -10.70 -1.36
N PRO A 33 8.00 -10.08 -0.17
CA PRO A 33 7.10 -10.49 0.92
C PRO A 33 5.67 -9.99 0.81
N PHE A 34 5.40 -9.10 -0.15
CA PHE A 34 4.14 -8.36 -0.19
C PHE A 34 3.36 -8.55 -1.50
N LEU A 35 3.86 -9.41 -2.39
CA LEU A 35 3.29 -9.53 -3.73
C LEU A 35 1.95 -10.25 -3.69
N LEU A 36 1.82 -11.24 -2.80
CA LEU A 36 0.62 -12.08 -2.71
C LEU A 36 0.16 -12.13 -1.26
N PRO A 37 -1.07 -12.63 -1.01
CA PRO A 37 -1.47 -12.78 0.40
C PRO A 37 -0.51 -13.67 1.14
N VAL A 38 -0.31 -13.39 2.42
CA VAL A 38 0.43 -14.27 3.29
C VAL A 38 -0.25 -15.62 3.32
N ASN A 39 0.53 -16.69 3.29
CA ASN A 39 -0.03 -18.04 3.36
C ASN A 39 -0.63 -18.24 4.74
N LEU A 40 -1.92 -17.90 4.85
CA LEU A 40 -2.65 -17.90 6.11
C LEU A 40 -2.42 -19.14 6.97
N LYS A 41 -2.18 -20.29 6.33
CA LYS A 41 -2.00 -21.54 7.05
C LYS A 41 -0.56 -22.05 7.05
N LEU A 42 0.38 -21.19 6.66
CA LEU A 42 1.79 -21.57 6.65
C LEU A 42 2.59 -20.63 7.54
N VAL A 43 2.00 -19.48 7.86
CA VAL A 43 2.61 -18.55 8.80
C VAL A 43 1.76 -18.52 10.06
N PRO A 44 2.12 -19.36 11.04
CA PRO A 44 1.41 -19.50 12.31
C PRO A 44 1.26 -18.17 13.03
N GLY A 45 0.03 -17.78 13.33
CA GLY A 45 -0.22 -16.61 14.13
C GLY A 45 -0.73 -15.45 13.31
N TYR A 46 -0.41 -15.48 12.02
CA TYR A 46 -0.77 -14.36 11.15
C TYR A 46 -2.28 -14.10 11.10
N LYS A 47 -3.09 -15.16 11.00
CA LYS A 47 -4.54 -14.97 10.90
C LYS A 47 -5.12 -14.30 12.16
N LYS A 48 -4.72 -14.75 13.34
CA LYS A 48 -5.26 -14.20 14.58
C LYS A 48 -4.72 -12.80 14.84
N VAL A 49 -3.41 -12.63 14.65
CA VAL A 49 -2.71 -11.40 14.99
C VAL A 49 -3.03 -10.25 14.03
N ILE A 50 -2.97 -10.50 12.73
CA ILE A 50 -3.20 -9.46 11.73
C ILE A 50 -4.67 -9.38 11.33
N LYS A 51 -5.37 -8.37 11.86
CA LYS A 51 -6.82 -8.29 11.73
C LYS A 51 -7.24 -7.94 10.30
N LYS A 52 -6.44 -7.11 9.63
CA LYS A 52 -6.76 -6.66 8.28
C LYS A 52 -5.59 -6.94 7.33
N PRO A 53 -5.47 -8.18 6.85
CA PRO A 53 -4.36 -8.51 5.96
C PRO A 53 -4.46 -7.68 4.69
N MET A 54 -3.32 -7.31 4.13
CA MET A 54 -3.35 -6.61 2.84
C MET A 54 -2.07 -6.93 2.10
N ASP A 55 -2.13 -6.87 0.77
CA ASP A 55 -0.96 -7.17 -0.05
C ASP A 55 -1.10 -6.51 -1.40
N PHE A 56 0.01 -6.43 -2.15
CA PHE A 56 -0.01 -5.69 -3.42
C PHE A 56 -1.02 -6.26 -4.43
N SER A 57 -1.19 -7.58 -4.49
CA SER A 57 -2.08 -8.14 -5.51
C SER A 57 -3.54 -7.81 -5.17
N THR A 58 -3.86 -7.79 -3.88
CA THR A 58 -5.19 -7.43 -3.43
C THR A 58 -5.44 -5.94 -3.70
N ILE A 59 -4.43 -5.12 -3.46
CA ILE A 59 -4.55 -3.70 -3.79
C ILE A 59 -4.76 -3.51 -5.31
N ARG A 60 -4.02 -4.27 -6.11
CA ARG A 60 -4.18 -4.21 -7.57
C ARG A 60 -5.60 -4.62 -8.00
N GLU A 61 -6.13 -5.67 -7.36
CA GLU A 61 -7.47 -6.11 -7.70
C GLU A 61 -8.49 -5.01 -7.36
N LYS A 62 -8.39 -4.46 -6.16
CA LYS A 62 -9.26 -3.37 -5.73
C LYS A 62 -9.13 -2.12 -6.63
N LEU A 63 -7.91 -1.81 -7.06
CA LEU A 63 -7.69 -0.65 -7.92
C LEU A 63 -8.30 -0.86 -9.31
N SER A 64 -8.21 -2.10 -9.79
CA SER A 64 -8.69 -2.46 -11.12
C SER A 64 -10.21 -2.58 -11.18
N SER A 65 -10.85 -2.68 -10.01
CA SER A 65 -12.28 -2.93 -9.95
C SER A 65 -13.03 -1.79 -9.26
N GLY A 66 -12.41 -0.61 -9.21
CA GLY A 66 -13.11 0.59 -8.75
C GLY A 66 -13.48 0.55 -7.28
N GLN A 67 -12.64 -0.09 -6.48
CA GLN A 67 -12.94 -0.29 -5.07
C GLN A 67 -12.27 0.74 -4.15
N TYR A 68 -11.50 1.64 -4.74
CA TYR A 68 -10.98 2.79 -3.98
C TYR A 68 -11.76 4.04 -4.36
N PRO A 69 -12.49 4.61 -3.39
CA PRO A 69 -13.25 5.84 -3.62
C PRO A 69 -12.34 7.01 -4.00
N ASN A 70 -11.13 7.04 -3.46
CA ASN A 70 -10.23 8.17 -3.70
C ASN A 70 -8.78 7.77 -3.48
N LEU A 71 -7.85 8.66 -3.78
CA LEU A 71 -6.43 8.30 -3.69
C LEU A 71 -5.99 8.05 -2.24
N GLU A 72 -6.65 8.69 -1.28
CA GLU A 72 -6.31 8.47 0.12
C GLU A 72 -6.66 7.06 0.59
N THR A 73 -7.76 6.49 0.12
CA THR A 73 -8.07 5.14 0.54
C THR A 73 -7.06 4.14 -0.04
N PHE A 74 -6.53 4.46 -1.21
CA PHE A 74 -5.47 3.66 -1.82
C PHE A 74 -4.21 3.71 -0.92
N ALA A 75 -3.81 4.90 -0.51
CA ALA A 75 -2.62 5.05 0.35
C ALA A 75 -2.78 4.34 1.69
N LEU A 76 -3.99 4.36 2.24
CA LEU A 76 -4.28 3.65 3.48
C LEU A 76 -3.98 2.16 3.35
N ASP A 77 -4.41 1.56 2.25
CA ASP A 77 -4.18 0.14 2.00
C ASP A 77 -2.70 -0.15 1.82
N VAL A 78 -1.98 0.72 1.12
CA VAL A 78 -0.54 0.51 0.94
C VAL A 78 0.16 0.56 2.31
N ARG A 79 -0.19 1.54 3.13
CA ARG A 79 0.45 1.71 4.43
C ARG A 79 0.10 0.54 5.36
N LEU A 80 -1.13 0.03 5.21
CA LEU A 80 -1.58 -1.13 5.96
C LEU A 80 -0.66 -2.34 5.74
N VAL A 81 -0.24 -2.54 4.48
CA VAL A 81 0.69 -3.61 4.16
C VAL A 81 1.95 -3.50 5.02
N PHE A 82 2.46 -2.30 5.14
CA PHE A 82 3.72 -2.09 5.87
C PHE A 82 3.51 -2.04 7.38
N ASP A 83 2.38 -1.50 7.81
CA ASP A 83 2.05 -1.53 9.24
C ASP A 83 1.89 -2.96 9.72
N ASN A 84 1.22 -3.78 8.92
CA ASN A 84 1.09 -5.20 9.29
C ASN A 84 2.44 -5.86 9.38
N CYS A 85 3.30 -5.55 8.42
CA CYS A 85 4.61 -6.15 8.35
C CYS A 85 5.43 -5.83 9.60
N GLU A 86 5.34 -4.57 10.05
CA GLU A 86 6.04 -4.11 11.24
C GLU A 86 5.54 -4.80 12.51
N THR A 87 4.23 -5.04 12.58
CA THR A 87 3.64 -5.69 13.74
C THR A 87 4.16 -7.11 13.92
N PHE A 88 4.31 -7.82 12.81
CA PHE A 88 4.60 -9.26 12.85
C PHE A 88 6.07 -9.64 12.72
N ASN A 89 6.87 -8.78 12.07
CA ASN A 89 8.26 -9.11 11.79
C ASN A 89 9.25 -8.23 12.55
N GLU A 90 10.40 -8.80 12.88
CA GLU A 90 11.49 -8.02 13.50
C GLU A 90 12.07 -7.00 12.52
N ASP A 91 12.51 -5.86 13.05
CA ASP A 91 13.04 -4.79 12.22
C ASP A 91 14.22 -5.22 11.34
N ASP A 92 15.06 -6.11 11.85
CA ASP A 92 16.25 -6.51 11.10
CA ASP A 92 16.24 -6.51 11.09
C ASP A 92 16.14 -7.94 10.57
N SER A 93 14.90 -8.44 10.45
CA SER A 93 14.66 -9.68 9.73
C SER A 93 14.62 -9.29 8.25
N ASP A 94 14.78 -10.24 7.33
CA ASP A 94 14.75 -9.88 5.91
C ASP A 94 13.40 -9.27 5.54
N ILE A 95 12.32 -9.87 6.02
CA ILE A 95 10.98 -9.37 5.72
C ILE A 95 10.72 -8.00 6.37
N GLY A 96 11.15 -7.85 7.63
CA GLY A 96 11.01 -6.60 8.35
C GLY A 96 11.72 -5.44 7.66
N ARG A 97 12.98 -5.64 7.29
CA ARG A 97 13.73 -4.58 6.64
C ARG A 97 13.16 -4.29 5.25
N ALA A 98 12.68 -5.33 4.58
CA ALA A 98 12.04 -5.14 3.27
C ALA A 98 10.88 -4.18 3.42
N GLY A 99 10.14 -4.34 4.51
CA GLY A 99 8.97 -3.51 4.76
C GLY A 99 9.36 -2.06 4.98
N HIS A 100 10.35 -1.84 5.83
CA HIS A 100 10.84 -0.48 6.04
C HIS A 100 11.30 0.12 4.72
N ASN A 101 12.05 -0.65 3.94
CA ASN A 101 12.55 -0.17 2.64
C ASN A 101 11.40 0.21 1.69
N MET A 102 10.41 -0.66 1.59
CA MET A 102 9.27 -0.46 0.69
C MET A 102 8.45 0.75 1.13
N ARG A 103 8.33 0.94 2.44
CA ARG A 103 7.57 2.07 2.96
C ARG A 103 8.23 3.38 2.58
N LYS A 104 9.53 3.48 2.82
CA LYS A 104 10.29 4.65 2.42
C LYS A 104 10.08 4.93 0.94
N TYR A 105 10.25 3.89 0.12
CA TYR A 105 10.11 3.99 -1.32
C TYR A 105 8.73 4.50 -1.74
N PHE A 106 7.70 3.98 -1.08
CA PHE A 106 6.32 4.41 -1.37
C PHE A 106 6.06 5.86 -0.99
N GLU A 107 6.48 6.26 0.21
CA GLU A 107 6.14 7.60 0.69
C GLU A 107 6.81 8.70 -0.12
N LYS A 108 7.96 8.40 -0.71
CA LYS A 108 8.62 9.41 -1.54
C LYS A 108 7.89 9.53 -2.86
N LYS A 109 7.54 8.40 -3.45
CA LYS A 109 6.79 8.41 -4.70
C LYS A 109 5.44 9.08 -4.49
N TRP A 110 4.85 8.86 -3.32
CA TRP A 110 3.55 9.45 -3.00
C TRP A 110 3.66 10.97 -2.91
N THR A 111 4.66 11.44 -2.17
CA THR A 111 4.91 12.85 -2.01
C THR A 111 5.23 13.49 -3.35
N ASP A 112 6.13 12.86 -4.09
CA ASP A 112 6.56 13.43 -5.37
C ASP A 112 5.43 13.49 -6.39
N THR A 113 4.51 12.54 -6.31
CA THR A 113 3.46 12.42 -7.33
C THR A 113 2.27 13.34 -7.07
N PHE A 114 1.88 13.50 -5.81
CA PHE A 114 0.65 14.19 -5.49
C PHE A 114 0.82 15.51 -4.74
N LYS A 115 1.74 15.56 -3.79
CA LYS A 115 2.10 16.84 -3.19
C LYS A 115 2.77 17.69 -4.26
N VAL A 116 1.95 18.23 -5.18
CA VAL A 116 2.36 18.76 -6.48
C VAL A 116 3.75 19.42 -6.50
#